data_1E35
#
_entry.id   1E35
#
_cell.length_a   50.490
_cell.length_b   57.580
_cell.length_c   74.550
_cell.angle_alpha   90.00
_cell.angle_beta   90.00
_cell.angle_gamma   90.00
#
_symmetry.space_group_name_H-M   'P 21 21 21'
#
loop_
_entity.id
_entity.type
_entity.pdbx_description
1 polymer ELASTASE
2 non-polymer 'CALCIUM ION'
3 non-polymer 'SULFATE ION'
4 non-polymer '(2S,3S)-3-FORMYL-2-({[(4-METHYLPHENYL)SULFONYL]AMINO}METHYL)PENTANOIC ACID'
5 water water
#
_entity_poly.entity_id   1
_entity_poly.type   'polypeptide(L)'
_entity_poly.pdbx_seq_one_letter_code
;VVGGTEAQRNSWPSQISLQYRSGSSWAHTCGGTLIRQNWVMTAAHCVDRELTFRVVVGEHNLNQNNGTEQYVGVQKIVVH
PYWNTDDVAAGYDIALLRLAQSVTLNSYVQLGVLPRAGTILANNSPCYITGWGLTRTNGQLAQTLQQAYLPTVDYAICSS
SSYWGSTVKNSMVCAGGDGVRSGCQGDSGGPLHCLVNGQYAVHGVTSFVSRLGCNVTRKPTVFTRVSAYISWINNVIASN
;
_entity_poly.pdbx_strand_id   B
#
loop_
_chem_comp.id
_chem_comp.type
_chem_comp.name
_chem_comp.formula
CA non-polymer 'CALCIUM ION' 'Ca 2'
SO4 non-polymer 'SULFATE ION' 'O4 S -2'
TPX non-polymer '(2S,3S)-3-FORMYL-2-({[(4-METHYLPHENYL)SULFONYL]AMINO}METHYL)PENTANOIC ACID' 'C14 H19 N O5 S'
#
# COMPACT_ATOMS: atom_id res chain seq x y z
N VAL A 1 -7.00 -3.52 7.69
CA VAL A 1 -7.58 -2.16 7.95
C VAL A 1 -8.51 -2.27 9.15
N VAL A 2 -8.25 -1.55 10.20
CA VAL A 2 -9.05 -1.58 11.43
C VAL A 2 -10.15 -0.52 11.25
N GLY A 3 -11.38 -0.73 11.70
CA GLY A 3 -12.34 0.37 11.55
C GLY A 3 -12.75 0.66 10.10
N GLY A 4 -12.62 -0.33 9.24
CA GLY A 4 -12.94 -0.08 7.81
C GLY A 4 -14.36 -0.54 7.48
N THR A 5 -14.72 -0.38 6.22
CA THR A 5 -15.98 -0.82 5.66
C THR A 5 -15.64 -1.66 4.45
N GLU A 6 -16.50 -2.54 4.00
CA GLU A 6 -16.19 -3.30 2.80
C GLU A 6 -16.25 -2.38 1.58
N ALA A 7 -15.23 -2.33 0.75
CA ALA A 7 -15.26 -1.50 -0.44
C ALA A 7 -16.17 -2.11 -1.50
N GLN A 8 -16.82 -1.28 -2.33
CA GLN A 8 -17.52 -1.85 -3.49
C GLN A 8 -16.42 -2.52 -4.32
N ARG A 9 -16.63 -3.59 -5.01
CA ARG A 9 -15.62 -4.28 -5.79
C ARG A 9 -15.08 -3.49 -6.98
N ASN A 10 -15.69 -2.37 -7.40
CA ASN A 10 -15.13 -1.63 -8.53
C ASN A 10 -14.59 -0.25 -8.16
N SER A 11 -14.48 0.00 -6.86
CA SER A 11 -14.01 1.27 -6.34
C SER A 11 -12.50 1.49 -6.51
N TRP A 12 -11.72 0.42 -6.29
CA TRP A 12 -10.25 0.61 -6.26
C TRP A 12 -9.58 -0.43 -7.13
N PRO A 13 -9.73 -0.33 -8.46
CA PRO A 13 -9.27 -1.32 -9.42
C PRO A 13 -7.78 -1.52 -9.55
N SER A 14 -7.01 -0.58 -9.00
CA SER A 14 -5.54 -0.65 -8.98
C SER A 14 -5.01 -1.42 -7.78
N GLN A 15 -5.85 -1.66 -6.77
CA GLN A 15 -5.36 -2.46 -5.63
C GLN A 15 -5.09 -3.89 -6.07
N ILE A 16 -3.96 -4.46 -5.65
CA ILE A 16 -3.71 -5.88 -5.91
C ILE A 16 -3.49 -6.62 -4.61
N SER A 17 -3.44 -7.97 -4.62
CA SER A 17 -3.07 -8.74 -3.44
C SER A 17 -1.71 -9.43 -3.75
N LEU A 18 -0.71 -9.22 -2.94
CA LEU A 18 0.60 -9.85 -3.11
C LEU A 18 0.64 -11.03 -2.13
N GLN A 19 0.82 -12.21 -2.73
CA GLN A 19 0.69 -13.47 -2.05
C GLN A 19 1.96 -14.32 -2.22
N TYR A 20 2.16 -15.25 -1.28
CA TYR A 20 3.33 -16.10 -1.35
C TYR A 20 2.85 -17.55 -1.26
N ARG A 21 3.62 -18.42 -1.89
CA ARG A 21 3.30 -19.84 -1.99
C ARG A 21 3.48 -20.42 -0.59
N SER A 22 2.50 -21.15 -0.13
CA SER A 22 2.53 -21.74 1.23
C SER A 22 1.98 -23.15 1.11
N GLY A 23 2.88 -24.12 1.02
CA GLY A 23 2.47 -25.51 0.82
C GLY A 23 1.88 -25.65 -0.59
N SER A 24 0.65 -26.12 -0.62
CA SER A 24 -0.14 -26.34 -1.81
C SER A 24 -1.04 -25.13 -2.10
N SER A 25 -0.99 -24.12 -1.22
CA SER A 25 -1.81 -22.95 -1.48
C SER A 25 -0.97 -21.66 -1.51
N TRP A 26 -1.71 -20.56 -1.60
CA TRP A 26 -1.14 -19.23 -1.66
C TRP A 26 -1.69 -18.42 -0.50
N ALA A 27 -0.88 -17.58 0.10
CA ALA A 27 -1.37 -16.80 1.24
C ALA A 27 -1.16 -15.31 0.96
N HIS A 28 -2.16 -14.52 1.27
CA HIS A 28 -1.98 -13.06 1.10
C HIS A 28 -0.95 -12.54 2.11
N THR A 29 -0.06 -11.61 1.73
CA THR A 29 0.85 -11.07 2.73
C THR A 29 0.88 -9.52 2.68
N CYS A 30 0.58 -8.91 1.56
CA CYS A 30 0.67 -7.46 1.42
C CYS A 30 -0.19 -6.95 0.29
N GLY A 31 -0.37 -5.61 0.28
CA GLY A 31 -1.12 -5.00 -0.82
C GLY A 31 -0.04 -4.61 -1.84
N GLY A 32 -0.53 -3.91 -2.87
CA GLY A 32 0.30 -3.34 -3.91
C GLY A 32 -0.62 -2.54 -4.85
N THR A 33 -0.02 -1.74 -5.71
CA THR A 33 -0.71 -0.91 -6.66
C THR A 33 -0.32 -1.26 -8.09
N LEU A 34 -1.32 -1.58 -8.89
CA LEU A 34 -0.94 -1.83 -10.33
C LEU A 34 -0.57 -0.51 -10.99
N ILE A 35 0.63 -0.34 -11.55
CA ILE A 35 1.00 0.97 -12.13
C ILE A 35 1.30 0.85 -13.62
N ARG A 36 1.60 -0.35 -14.12
CA ARG A 36 1.69 -0.61 -15.55
C ARG A 36 0.93 -1.93 -15.71
N GLN A 37 0.62 -2.34 -16.93
CA GLN A 37 0.00 -3.66 -17.10
C GLN A 37 0.92 -4.77 -16.66
N ASN A 38 2.23 -4.53 -16.57
CA ASN A 38 3.14 -5.55 -16.09
C ASN A 38 3.99 -5.06 -14.92
N TRP A 39 3.55 -4.02 -14.22
CA TRP A 39 4.35 -3.56 -13.09
C TRP A 39 3.45 -3.26 -11.86
N VAL A 40 3.91 -3.67 -10.68
CA VAL A 40 3.17 -3.33 -9.45
C VAL A 40 4.12 -2.62 -8.48
N MET A 41 3.64 -1.55 -7.84
CA MET A 41 4.32 -0.85 -6.78
C MET A 41 3.89 -1.40 -5.42
N THR A 42 4.82 -1.72 -4.58
CA THR A 42 4.52 -2.24 -3.27
C THR A 42 5.62 -1.77 -2.30
N ALA A 43 5.52 -2.24 -1.06
CA ALA A 43 6.58 -1.81 -0.10
C ALA A 43 7.77 -2.76 -0.22
N ALA A 44 8.98 -2.25 -0.03
CA ALA A 44 10.17 -3.10 -0.02
C ALA A 44 10.09 -4.15 1.07
N HIS A 45 9.56 -3.82 2.24
CA HIS A 45 9.47 -4.74 3.38
C HIS A 45 8.58 -5.93 3.09
N CYS A 46 7.70 -5.82 2.08
CA CYS A 46 6.85 -6.98 1.77
C CYS A 46 7.65 -8.08 1.07
N VAL A 47 8.74 -7.67 0.41
CA VAL A 47 9.52 -8.67 -0.34
C VAL A 47 10.91 -8.88 0.24
N ASP A 48 11.00 -8.78 1.57
CA ASP A 48 12.27 -8.98 2.28
C ASP A 48 12.54 -10.48 2.40
N ARG A 49 11.48 -11.27 2.51
CA ARG A 49 11.64 -12.73 2.59
C ARG A 49 11.81 -13.33 1.21
N GLU A 50 12.64 -14.38 1.10
CA GLU A 50 13.00 -15.05 -0.12
C GLU A 50 11.91 -16.07 -0.49
N LEU A 51 10.69 -15.62 -0.73
CA LEU A 51 9.54 -16.48 -0.93
C LEU A 51 9.14 -16.47 -2.41
N THR A 52 8.23 -17.33 -2.79
CA THR A 52 7.70 -17.27 -4.17
C THR A 52 6.46 -16.36 -4.15
N PHE A 53 6.46 -15.34 -4.93
CA PHE A 53 5.35 -14.40 -4.91
C PHE A 53 4.47 -14.49 -6.16
N ARG A 54 3.18 -14.15 -5.97
CA ARG A 54 2.31 -13.95 -7.12
C ARG A 54 1.48 -12.69 -6.82
N VAL A 55 0.97 -12.09 -7.88
CA VAL A 55 0.09 -10.93 -7.71
C VAL A 55 -1.30 -11.35 -8.18
N VAL A 56 -2.33 -10.87 -7.51
CA VAL A 56 -3.69 -11.16 -7.92
C VAL A 56 -4.34 -9.81 -8.19
N VAL A 57 -4.79 -9.61 -9.43
CA VAL A 57 -5.50 -8.38 -9.76
C VAL A 57 -6.99 -8.73 -9.90
N GLY A 58 -7.86 -7.74 -9.75
CA GLY A 58 -9.30 -7.98 -9.86
C GLY A 58 -9.80 -8.88 -8.71
N GLU A 59 -9.10 -8.81 -7.57
CA GLU A 59 -9.42 -9.50 -6.35
C GLU A 59 -10.32 -8.66 -5.45
N HIS A 60 -11.29 -9.38 -4.85
CA HIS A 60 -12.20 -8.74 -3.91
C HIS A 60 -12.33 -9.57 -2.65
N ASN A 61 -12.61 -10.87 -2.77
CA ASN A 61 -12.70 -11.72 -1.60
C ASN A 61 -11.56 -12.75 -1.70
N LEU A 62 -10.67 -12.71 -0.71
CA LEU A 62 -9.53 -13.64 -0.76
C LEU A 62 -9.94 -15.12 -0.68
N ASN A 63 -11.02 -15.42 -0.01
CA ASN A 63 -11.48 -16.77 0.26
C ASN A 63 -12.61 -17.27 -0.63
N GLN A 64 -12.93 -16.60 -1.73
CA GLN A 64 -13.98 -17.09 -2.62
C GLN A 64 -13.70 -16.70 -4.05
N ASN A 65 -14.17 -17.50 -5.01
CA ASN A 65 -13.92 -17.07 -6.40
C ASN A 65 -14.86 -15.88 -6.68
N ASN A 66 -14.29 -14.76 -7.13
CA ASN A 66 -15.10 -13.59 -7.42
C ASN A 66 -15.53 -13.61 -8.88
N GLY A 67 -14.84 -14.40 -9.69
CA GLY A 67 -15.12 -14.42 -11.13
C GLY A 67 -14.43 -13.30 -11.90
N THR A 68 -13.50 -12.57 -11.28
CA THR A 68 -12.87 -11.40 -11.91
C THR A 68 -11.34 -11.34 -11.79
N GLU A 69 -10.75 -12.24 -11.04
CA GLU A 69 -9.33 -12.28 -10.75
C GLU A 69 -8.46 -12.74 -11.91
N GLN A 70 -7.26 -12.19 -12.00
CA GLN A 70 -6.22 -12.70 -12.90
C GLN A 70 -5.01 -12.93 -11.95
N TYR A 71 -4.36 -14.06 -12.10
CA TYR A 71 -3.28 -14.50 -11.24
C TYR A 71 -1.95 -14.45 -12.03
N VAL A 72 -0.94 -13.73 -11.60
CA VAL A 72 0.30 -13.66 -12.42
C VAL A 72 1.52 -13.79 -11.54
N GLY A 73 2.55 -14.47 -12.06
CA GLY A 73 3.77 -14.62 -11.27
C GLY A 73 4.53 -13.31 -11.27
N VAL A 74 5.49 -13.18 -10.35
CA VAL A 74 6.41 -12.08 -10.22
C VAL A 74 7.72 -12.58 -10.84
N GLN A 75 8.17 -11.88 -11.86
CA GLN A 75 9.34 -12.24 -12.63
C GLN A 75 10.57 -11.50 -12.20
N LYS A 76 10.38 -10.27 -11.74
CA LYS A 76 11.56 -9.49 -11.27
C LYS A 76 11.14 -8.58 -10.13
N ILE A 77 11.97 -8.45 -9.11
CA ILE A 77 11.73 -7.62 -7.95
C ILE A 77 12.89 -6.60 -7.90
N VAL A 78 12.46 -5.32 -7.93
CA VAL A 78 13.44 -4.25 -7.84
C VAL A 78 13.13 -3.45 -6.57
N VAL A 79 14.00 -3.60 -5.56
CA VAL A 79 13.72 -2.80 -4.34
C VAL A 79 14.53 -1.53 -4.40
N HIS A 80 14.05 -0.47 -3.76
CA HIS A 80 14.84 0.76 -3.77
C HIS A 80 16.23 0.41 -3.26
N PRO A 81 17.30 0.79 -3.94
CA PRO A 81 18.66 0.50 -3.54
C PRO A 81 19.05 1.00 -2.16
N TYR A 82 18.34 2.00 -1.62
CA TYR A 82 18.63 2.49 -0.29
C TYR A 82 17.84 1.82 0.82
N TRP A 83 16.90 0.93 0.49
CA TRP A 83 16.12 0.27 1.51
C TRP A 83 17.03 -0.53 2.44
N ASN A 84 16.72 -0.54 3.72
CA ASN A 84 17.42 -1.29 4.75
C ASN A 84 16.37 -1.95 5.64
N THR A 85 16.35 -3.27 5.64
CA THR A 85 15.49 -4.10 6.45
C THR A 85 15.40 -3.76 7.93
N ASP A 86 16.51 -3.40 8.54
CA ASP A 86 16.72 -3.01 9.91
C ASP A 86 16.29 -1.58 10.27
N ASP A 87 15.92 -0.75 9.30
CA ASP A 87 15.57 0.66 9.60
C ASP A 87 14.39 1.10 8.75
N VAL A 88 13.17 0.66 9.09
CA VAL A 88 11.98 1.06 8.32
C VAL A 88 11.78 2.58 8.43
N ALA A 89 12.16 3.15 9.58
CA ALA A 89 12.04 4.56 9.85
C ALA A 89 12.98 5.36 8.97
N ALA A 90 13.99 4.76 8.37
CA ALA A 90 14.87 5.49 7.42
C ALA A 90 14.17 5.77 6.08
N GLY A 91 13.13 5.02 5.78
CA GLY A 91 12.41 5.22 4.52
C GLY A 91 12.83 4.29 3.46
N TYR A 92 12.63 4.69 2.18
CA TYR A 92 12.94 3.91 1.01
C TYR A 92 12.12 2.63 0.96
N ASP A 93 10.99 2.61 1.67
CA ASP A 93 10.17 1.38 1.70
C ASP A 93 9.30 1.35 0.45
N ILE A 94 9.94 0.90 -0.65
CA ILE A 94 9.22 0.84 -1.92
C ILE A 94 9.96 -0.14 -2.82
N ALA A 95 9.20 -0.84 -3.63
CA ALA A 95 9.73 -1.88 -4.51
C ALA A 95 8.78 -2.05 -5.70
N LEU A 96 9.36 -2.34 -6.84
CA LEU A 96 8.62 -2.52 -8.06
C LEU A 96 8.73 -4.00 -8.48
N LEU A 97 7.58 -4.55 -8.82
CA LEU A 97 7.50 -5.94 -9.26
C LEU A 97 7.16 -6.01 -10.74
N ARG A 98 7.98 -6.64 -11.58
CA ARG A 98 7.67 -6.80 -13.00
C ARG A 98 6.88 -8.13 -13.07
N LEU A 99 5.72 -8.07 -13.71
CA LEU A 99 4.85 -9.27 -13.76
C LEU A 99 5.30 -10.18 -14.90
N ALA A 100 5.09 -11.48 -14.80
CA ALA A 100 5.53 -12.41 -15.85
C ALA A 100 4.65 -12.25 -17.08
N GLN A 101 3.41 -11.82 -16.85
CA GLN A 101 2.51 -11.54 -17.95
C GLN A 101 1.92 -10.14 -17.70
N SER A 102 1.61 -9.49 -18.80
CA SER A 102 0.88 -8.24 -18.76
C SER A 102 -0.55 -8.58 -18.40
N VAL A 103 -1.13 -7.84 -17.47
CA VAL A 103 -2.53 -8.12 -17.14
C VAL A 103 -3.49 -7.38 -18.05
N THR A 104 -4.72 -7.88 -18.15
CA THR A 104 -5.73 -7.22 -18.97
C THR A 104 -6.55 -6.22 -18.16
N LEU A 105 -6.81 -5.03 -18.71
CA LEU A 105 -7.59 -4.04 -17.98
C LEU A 105 -9.09 -4.09 -18.16
N ASN A 106 -9.88 -3.78 -17.12
CA ASN A 106 -11.34 -3.81 -17.20
C ASN A 106 -11.91 -3.06 -16.03
N SER A 107 -13.17 -3.14 -15.62
CA SER A 107 -13.59 -2.32 -14.49
C SER A 107 -13.01 -2.72 -13.14
N TYR A 108 -12.52 -3.94 -12.98
CA TYR A 108 -11.92 -4.40 -11.74
C TYR A 108 -10.41 -4.29 -11.73
N VAL A 109 -9.77 -3.99 -12.86
CA VAL A 109 -8.35 -4.03 -13.10
C VAL A 109 -7.90 -2.78 -13.84
N GLN A 110 -7.38 -1.80 -13.11
CA GLN A 110 -6.94 -0.56 -13.74
C GLN A 110 -5.60 -0.09 -13.21
N LEU A 111 -4.93 0.81 -13.90
CA LEU A 111 -3.65 1.35 -13.42
C LEU A 111 -3.92 2.47 -12.41
N GLY A 112 -3.10 2.50 -11.36
CA GLY A 112 -3.26 3.51 -10.32
C GLY A 112 -2.68 4.82 -10.89
N VAL A 113 -3.40 5.91 -10.58
CA VAL A 113 -2.89 7.21 -11.00
C VAL A 113 -1.90 7.69 -9.94
N LEU A 114 -0.69 8.11 -10.32
CA LEU A 114 0.28 8.58 -9.33
C LEU A 114 0.32 10.11 -9.37
N PRO A 115 0.68 10.74 -8.27
CA PRO A 115 0.77 12.19 -8.19
C PRO A 115 1.94 12.70 -8.98
N ARG A 116 1.93 13.98 -9.30
CA ARG A 116 3.10 14.57 -9.95
C ARG A 116 4.18 14.64 -8.87
N ALA A 117 5.43 14.51 -9.27
CA ALA A 117 6.59 14.53 -8.40
C ALA A 117 6.65 15.73 -7.47
N GLY A 118 6.95 15.54 -6.18
CA GLY A 118 7.07 16.68 -5.27
C GLY A 118 5.76 17.07 -4.59
N THR A 119 4.62 16.55 -5.06
CA THR A 119 3.34 16.97 -4.52
C THR A 119 3.25 16.63 -3.05
N ILE A 120 2.80 17.58 -2.24
CA ILE A 120 2.61 17.40 -0.82
C ILE A 120 1.16 17.76 -0.52
N LEU A 121 0.50 16.94 0.28
CA LEU A 121 -0.91 17.21 0.60
C LEU A 121 -1.05 18.19 1.76
N ALA A 122 -2.05 19.06 1.71
CA ALA A 122 -2.26 19.97 2.85
C ALA A 122 -2.72 19.03 4.02
N ASN A 123 -2.41 19.42 5.23
CA ASN A 123 -2.85 18.75 6.42
C ASN A 123 -4.36 18.51 6.35
N ASN A 124 -4.74 17.32 6.83
CA ASN A 124 -6.16 16.94 6.84
C ASN A 124 -6.76 16.70 5.46
N SER A 125 -6.00 16.32 4.44
CA SER A 125 -6.52 16.05 3.11
C SER A 125 -7.19 14.65 3.14
N PRO A 126 -8.27 14.50 2.42
CA PRO A 126 -9.10 13.32 2.36
C PRO A 126 -8.49 12.15 1.60
N CYS A 127 -8.27 11.04 2.31
CA CYS A 127 -7.63 9.87 1.73
C CYS A 127 -8.30 8.60 2.24
N TYR A 128 -8.19 7.49 1.51
CA TYR A 128 -8.76 6.22 1.90
C TYR A 128 -7.59 5.20 1.81
N ILE A 129 -7.48 4.38 2.84
CA ILE A 129 -6.50 3.31 2.83
C ILE A 129 -7.35 2.11 2.40
N THR A 130 -6.79 1.20 1.63
CA THR A 130 -7.53 -0.01 1.27
C THR A 130 -6.62 -1.23 1.51
N GLY A 131 -7.26 -2.36 1.82
CA GLY A 131 -6.49 -3.58 1.94
C GLY A 131 -7.15 -4.72 2.66
N TRP A 132 -6.47 -5.89 2.60
CA TRP A 132 -7.04 -7.03 3.30
C TRP A 132 -6.35 -7.31 4.63
N GLY A 133 -5.66 -6.33 5.19
CA GLY A 133 -4.93 -6.51 6.45
C GLY A 133 -5.80 -6.74 7.68
N LEU A 134 -5.14 -6.99 8.82
CA LEU A 134 -5.86 -7.26 10.07
C LEU A 134 -6.95 -6.23 10.32
N THR A 135 -8.10 -6.72 10.76
CA THR A 135 -9.26 -5.88 11.06
C THR A 135 -9.22 -5.43 12.49
N ARG A 136 -8.34 -6.00 13.27
CA ARG A 136 -8.01 -5.55 14.60
C ARG A 136 -6.55 -5.80 14.94
N THR A 137 -6.01 -5.00 15.86
CA THR A 137 -4.66 -5.23 16.36
C THR A 137 -4.61 -6.67 16.86
N ASN A 138 -3.65 -7.44 16.40
CA ASN A 138 -3.53 -8.85 16.75
C ASN A 138 -4.77 -9.61 16.30
N GLY A 139 -5.34 -9.24 15.14
CA GLY A 139 -6.57 -9.89 14.67
C GLY A 139 -6.28 -10.81 13.51
N GLN A 140 -7.27 -10.84 12.61
CA GLN A 140 -7.08 -11.67 11.41
C GLN A 140 -7.25 -10.82 10.14
N LEU A 141 -6.73 -11.30 9.03
CA LEU A 141 -6.96 -10.62 7.76
C LEU A 141 -8.45 -10.57 7.47
N ALA A 142 -8.83 -9.60 6.63
CA ALA A 142 -10.20 -9.47 6.18
C ALA A 142 -10.40 -10.45 5.03
N GLN A 143 -11.62 -10.88 4.81
CA GLN A 143 -11.97 -11.67 3.64
C GLN A 143 -12.15 -10.75 2.46
N THR A 144 -12.97 -9.71 2.69
CA THR A 144 -13.24 -8.74 1.64
C THR A 144 -12.42 -7.46 1.79
N LEU A 145 -12.09 -6.87 0.63
CA LEU A 145 -11.27 -5.68 0.60
C LEU A 145 -11.92 -4.61 1.48
N GLN A 146 -11.16 -4.00 2.40
CA GLN A 146 -11.70 -2.97 3.26
C GLN A 146 -11.13 -1.61 2.89
N GLN A 147 -11.80 -0.55 3.34
CA GLN A 147 -11.40 0.83 3.06
C GLN A 147 -11.68 1.62 4.32
N ALA A 148 -10.84 2.62 4.60
CA ALA A 148 -11.14 3.43 5.79
C ALA A 148 -10.68 4.86 5.45
N TYR A 149 -11.47 5.79 5.95
CA TYR A 149 -11.09 7.21 5.66
C TYR A 149 -9.99 7.64 6.61
N LEU A 150 -8.84 8.07 6.13
CA LEU A 150 -7.73 8.46 6.98
C LEU A 150 -7.18 9.80 6.48
N PRO A 151 -7.58 10.90 7.10
CA PRO A 151 -7.12 12.22 6.70
C PRO A 151 -5.62 12.37 6.96
N THR A 152 -4.91 13.06 6.04
CA THR A 152 -3.48 13.15 6.22
C THR A 152 -3.17 13.96 7.46
N VAL A 153 -2.02 13.73 8.06
CA VAL A 153 -1.43 14.45 9.17
C VAL A 153 -0.11 15.00 8.62
N ASP A 154 0.04 16.33 8.44
CA ASP A 154 1.23 16.80 7.76
C ASP A 154 2.53 16.54 8.52
N TYR A 155 3.65 16.72 7.86
CA TYR A 155 4.97 16.48 8.39
C TYR A 155 5.26 17.17 9.70
N ALA A 156 5.00 18.48 9.78
CA ALA A 156 5.25 19.23 11.02
C ALA A 156 4.50 18.59 12.18
N ILE A 157 3.23 18.21 11.95
CA ILE A 157 2.46 17.60 13.02
C ILE A 157 2.91 16.16 13.24
N CYS A 158 3.07 15.40 12.15
CA CYS A 158 3.39 13.97 12.36
C CYS A 158 4.77 13.73 12.97
N SER A 159 5.70 14.66 12.71
CA SER A 159 7.05 14.52 13.26
C SER A 159 7.23 15.20 14.62
N SER A 160 6.18 15.68 15.23
CA SER A 160 6.25 16.32 16.54
C SER A 160 6.36 15.20 17.56
N SER A 161 6.96 15.48 18.72
CA SER A 161 7.15 14.52 19.77
C SER A 161 5.90 13.75 20.19
N SER A 162 4.72 14.31 20.24
CA SER A 162 3.51 13.60 20.64
C SER A 162 3.11 12.54 19.59
N TYR A 163 3.44 12.74 18.34
CA TYR A 163 3.09 11.80 17.26
C TYR A 163 4.26 10.85 17.04
N TRP A 164 4.90 10.88 15.88
CA TRP A 164 5.99 9.95 15.58
C TRP A 164 7.38 10.52 15.80
N GLY A 165 7.51 11.80 16.16
CA GLY A 165 8.85 12.36 16.37
C GLY A 165 9.77 12.18 15.17
N SER A 166 11.05 11.91 15.39
CA SER A 166 12.06 11.71 14.37
C SER A 166 11.89 10.50 13.48
N THR A 167 11.08 9.55 13.91
CA THR A 167 10.78 8.32 13.14
C THR A 167 10.12 8.68 11.80
N VAL A 168 9.36 9.76 11.76
CA VAL A 168 8.76 10.13 10.44
C VAL A 168 9.66 11.06 9.68
N LYS A 169 9.79 10.82 8.37
CA LYS A 169 10.59 11.62 7.48
C LYS A 169 9.68 12.34 6.47
N ASN A 170 10.27 13.30 5.75
CA ASN A 170 9.50 14.06 4.76
C ASN A 170 9.28 13.25 3.50
N SER A 171 9.94 12.09 3.33
CA SER A 171 9.67 11.21 2.23
C SER A 171 8.49 10.29 2.56
N MET A 172 7.75 10.52 3.64
CA MET A 172 6.63 9.71 4.03
C MET A 172 5.34 10.54 4.24
N VAL A 173 4.18 9.88 4.16
CA VAL A 173 2.92 10.56 4.40
C VAL A 173 2.30 9.89 5.63
N CYS A 174 1.81 10.72 6.55
CA CYS A 174 1.08 10.12 7.65
C CYS A 174 -0.41 10.34 7.37
N ALA A 175 -1.22 9.40 7.79
CA ALA A 175 -2.67 9.56 7.68
C ALA A 175 -3.38 8.85 8.82
N GLY A 176 -4.44 9.45 9.34
CA GLY A 176 -5.21 8.87 10.43
C GLY A 176 -4.73 9.29 11.81
N GLY A 177 -4.60 8.29 12.68
CA GLY A 177 -4.22 8.54 14.07
C GLY A 177 -5.45 8.86 14.93
N ASP A 178 -6.68 8.53 14.52
CA ASP A 178 -7.84 8.82 15.37
C ASP A 178 -8.03 7.81 16.49
N GLY A 179 -7.31 6.71 16.49
CA GLY A 179 -7.39 5.67 17.48
C GLY A 179 -8.45 4.62 17.18
N VAL A 180 -9.17 4.76 16.07
CA VAL A 180 -10.26 3.90 15.68
C VAL A 180 -9.95 3.18 14.36
N ARG A 181 -9.50 3.95 13.39
CA ARG A 181 -9.24 3.54 12.04
C ARG A 181 -7.76 3.56 11.66
N SER A 182 -7.27 2.56 10.92
CA SER A 182 -5.85 2.58 10.56
C SER A 182 -5.49 1.45 9.61
N GLY A 183 -4.27 1.45 9.06
CA GLY A 183 -3.77 0.28 8.35
C GLY A 183 -3.46 -0.74 9.47
N CYS A 184 -3.17 -1.98 9.08
CA CYS A 184 -2.82 -2.99 10.08
C CYS A 184 -2.00 -4.07 9.37
N GLN A 185 -1.47 -5.06 10.05
CA GLN A 185 -0.55 -5.99 9.33
C GLN A 185 -1.21 -6.61 8.12
N GLY A 186 -0.52 -6.62 6.96
CA GLY A 186 -1.07 -7.21 5.76
C GLY A 186 -1.63 -6.11 4.85
N ASP A 187 -1.74 -4.88 5.29
CA ASP A 187 -2.12 -3.74 4.46
C ASP A 187 -0.85 -3.15 3.80
N SER A 188 0.32 -3.40 4.44
CA SER A 188 1.56 -2.87 3.87
C SER A 188 1.70 -3.11 2.35
N GLY A 189 2.30 -2.09 1.74
CA GLY A 189 2.52 -2.17 0.30
C GLY A 189 1.38 -1.57 -0.50
N GLY A 190 0.15 -1.59 0.04
CA GLY A 190 -1.01 -1.15 -0.68
C GLY A 190 -1.05 0.38 -0.76
N PRO A 191 -2.05 0.85 -1.47
CA PRO A 191 -2.21 2.26 -1.71
C PRO A 191 -2.91 3.03 -0.60
N LEU A 192 -2.61 4.33 -0.55
CA LEU A 192 -3.32 5.34 0.17
C LEU A 192 -3.86 6.23 -0.99
N HIS A 193 -5.17 6.19 -1.20
CA HIS A 193 -5.75 6.97 -2.31
C HIS A 193 -6.26 8.31 -1.78
N CYS A 194 -5.77 9.41 -2.37
CA CYS A 194 -6.22 10.73 -1.90
C CYS A 194 -6.86 11.55 -3.01
N LEU A 195 -8.01 12.18 -2.69
CA LEU A 195 -8.74 12.96 -3.70
C LEU A 195 -8.12 14.31 -3.93
N VAL A 196 -7.60 14.54 -5.13
CA VAL A 196 -6.93 15.79 -5.47
C VAL A 196 -7.47 16.26 -6.84
N ASN A 197 -8.11 17.45 -6.85
CA ASN A 197 -8.66 18.01 -8.09
C ASN A 197 -9.68 17.09 -8.75
N GLY A 198 -10.53 16.46 -7.92
CA GLY A 198 -11.57 15.59 -8.42
C GLY A 198 -11.14 14.19 -8.80
N GLN A 199 -9.84 13.87 -8.74
CA GLN A 199 -9.39 12.54 -9.11
C GLN A 199 -8.71 11.86 -7.93
N TYR A 200 -8.98 10.60 -7.68
CA TYR A 200 -8.26 9.86 -6.63
C TYR A 200 -6.87 9.49 -7.13
N ALA A 201 -5.80 9.78 -6.38
CA ALA A 201 -4.50 9.35 -6.82
C ALA A 201 -3.78 8.65 -5.61
N VAL A 202 -2.90 7.75 -6.01
CA VAL A 202 -2.20 6.93 -4.99
C VAL A 202 -1.01 7.75 -4.49
N HIS A 203 -1.17 8.36 -3.33
CA HIS A 203 -0.13 9.21 -2.74
C HIS A 203 0.79 8.48 -1.76
N GLY A 204 0.30 7.31 -1.29
CA GLY A 204 1.06 6.56 -0.32
C GLY A 204 1.17 5.07 -0.60
N VAL A 205 2.28 4.48 -0.19
CA VAL A 205 2.47 3.04 -0.18
C VAL A 205 2.51 2.68 1.32
N THR A 206 1.55 1.92 1.82
CA THR A 206 1.54 1.61 3.27
C THR A 206 2.81 0.98 3.78
N SER A 207 3.36 1.55 4.87
CA SER A 207 4.66 1.10 5.36
C SER A 207 4.66 0.63 6.80
N PHE A 208 4.19 1.40 7.79
CA PHE A 208 4.25 0.90 9.15
C PHE A 208 3.20 1.54 10.05
N VAL A 209 3.01 0.85 11.19
CA VAL A 209 2.13 1.30 12.25
C VAL A 209 2.95 1.14 13.55
N SER A 210 2.45 1.71 14.62
CA SER A 210 3.17 1.63 15.91
C SER A 210 3.41 0.20 16.34
N ARG A 211 4.46 -0.06 17.14
CA ARG A 211 4.62 -1.41 17.72
C ARG A 211 3.57 -1.60 18.81
N LEU A 212 2.98 -0.52 19.32
CA LEU A 212 1.93 -0.56 20.32
C LEU A 212 0.62 -1.15 19.80
N GLY A 213 0.28 -0.89 18.55
CA GLY A 213 -0.96 -1.45 17.97
C GLY A 213 -1.22 -0.72 16.64
N CYS A 214 -2.25 -1.18 15.95
CA CYS A 214 -2.55 -0.59 14.63
C CYS A 214 -3.25 0.74 14.79
N ASN A 215 -4.39 0.77 15.47
CA ASN A 215 -5.17 1.96 15.70
C ASN A 215 -4.79 2.54 17.06
N VAL A 216 -3.81 3.42 17.11
CA VAL A 216 -3.30 4.00 18.34
C VAL A 216 -3.40 5.51 18.13
N THR A 217 -4.11 6.20 19.03
CA THR A 217 -4.22 7.65 18.87
C THR A 217 -2.88 8.35 18.78
N ARG A 218 -2.77 9.22 17.78
CA ARG A 218 -1.54 9.96 17.54
C ARG A 218 -0.37 9.13 17.05
N LYS A 219 -0.71 7.96 16.51
CA LYS A 219 0.28 7.13 15.80
C LYS A 219 -0.41 6.82 14.48
N PRO A 220 -0.58 7.82 13.62
CA PRO A 220 -1.20 7.59 12.32
C PRO A 220 -0.41 6.55 11.54
N THR A 221 -1.13 5.86 10.62
CA THR A 221 -0.40 4.89 9.77
C THR A 221 0.55 5.71 8.89
N VAL A 222 1.72 5.16 8.63
CA VAL A 222 2.76 5.83 7.88
C VAL A 222 2.97 5.15 6.55
N PHE A 223 3.13 5.97 5.52
CA PHE A 223 3.23 5.49 4.16
C PHE A 223 4.46 6.10 3.46
N THR A 224 5.07 5.39 2.57
CA THR A 224 6.14 5.94 1.71
C THR A 224 5.45 7.00 0.82
N ARG A 225 6.03 8.18 0.69
CA ARG A 225 5.43 9.23 -0.13
C ARG A 225 5.76 8.94 -1.57
N VAL A 226 4.76 8.50 -2.35
CA VAL A 226 4.89 8.14 -3.73
C VAL A 226 5.45 9.28 -4.60
N SER A 227 5.01 10.52 -4.34
CA SER A 227 5.50 11.69 -5.07
C SER A 227 6.98 12.01 -4.87
N ALA A 228 7.65 11.40 -3.92
CA ALA A 228 9.09 11.53 -3.75
C ALA A 228 9.88 10.58 -4.64
N TYR A 229 9.25 9.53 -5.18
CA TYR A 229 9.96 8.47 -5.92
C TYR A 229 9.57 8.36 -7.38
N ILE A 230 8.90 9.39 -7.90
CA ILE A 230 8.45 9.31 -9.32
C ILE A 230 9.60 9.12 -10.29
N SER A 231 10.68 9.86 -10.10
CA SER A 231 11.85 9.67 -11.00
C SER A 231 12.44 8.28 -10.82
N TRP A 232 12.59 7.75 -9.62
CA TRP A 232 13.06 6.40 -9.38
C TRP A 232 12.17 5.40 -10.09
N ILE A 233 10.84 5.51 -9.88
CA ILE A 233 9.89 4.61 -10.56
C ILE A 233 10.02 4.60 -12.07
N ASN A 234 10.00 5.74 -12.73
CA ASN A 234 10.21 5.90 -14.18
C ASN A 234 11.57 5.35 -14.57
N ASN A 235 12.61 5.57 -13.76
CA ASN A 235 13.93 5.03 -14.08
C ASN A 235 13.97 3.50 -14.10
N VAL A 236 13.28 2.90 -13.13
CA VAL A 236 13.28 1.43 -13.10
C VAL A 236 12.45 0.93 -14.26
N ILE A 237 11.25 1.47 -14.50
CA ILE A 237 10.40 0.97 -15.57
C ILE A 237 11.06 1.15 -16.94
N ALA A 238 11.80 2.22 -17.12
CA ALA A 238 12.52 2.49 -18.35
C ALA A 238 13.70 1.54 -18.54
N SER A 239 14.44 1.21 -17.48
CA SER A 239 15.62 0.38 -17.54
C SER A 239 15.34 -1.11 -17.41
N ASN A 240 14.06 -1.49 -17.36
CA ASN A 240 13.66 -2.88 -17.25
C ASN A 240 12.15 -2.96 -17.34
CA CA B . -11.51 -13.96 -4.90
S SO4 C . 10.31 15.80 -3.18
O1 SO4 C . 10.71 15.60 -1.77
O2 SO4 C . 10.16 17.28 -3.42
O3 SO4 C . 9.18 14.97 -3.60
O4 SO4 C . 11.45 15.39 -4.13
C TPX D . 2.28 -3.43 7.07
CA TPX D . 2.66 -2.83 8.41
CB TPX D . 3.39 -3.82 9.21
CC TPX D . 3.82 -3.24 10.53
CD TPX D . 1.37 -2.37 9.07
CE TPX D . 0.70 -1.34 8.18
O TPX D . 1.50 -4.38 6.95
OA TPX D . 4.17 -2.04 10.63
OB TPX D . 3.78 -3.99 11.50
CK TPX D . 4.56 -4.38 8.48
N TPX D . 4.27 -5.03 7.23
OC TPX D . 2.96 -6.89 8.36
OD TPX D . 3.72 -7.07 6.02
S TPX D . 3.92 -6.66 7.35
CF TPX D . 5.52 -7.26 7.82
CG1 TPX D . 5.51 -8.91 7.22
CG2 TPX D . 6.14 -7.43 8.99
CH1 TPX D . 6.57 -9.73 7.54
CH2 TPX D . 7.20 -8.26 9.31
CI TPX D . 7.42 -9.40 8.57
CJ TPX D . 8.57 -10.31 8.91
#